data_2BKY
#
_entry.id   2BKY
#
_cell.length_a   102.788
_cell.length_b   102.788
_cell.length_c   66.566
_cell.angle_alpha   90.00
_cell.angle_beta   90.00
_cell.angle_gamma   120.00
#
_symmetry.space_group_name_H-M   'P 31 2 1'
#
loop_
_entity.id
_entity.type
_entity.pdbx_description
1 polymer 'DNA/RNA-BINDING PROTEIN ALBA 1'
2 polymer 'DNA/RNA-BINDING PROTEIN ALBA 2'
3 non-polymer (4S)-2-METHYL-2,4-PENTANEDIOL
4 water water
#
loop_
_entity_poly.entity_id
_entity_poly.type
_entity_poly.pdbx_seq_one_letter_code
_entity_poly.pdbx_strand_id
1 'polypeptide(L)'
;MSSGTPTPSNVVLIGKKPVMNYVLAALTLLNQGVSEIVIKARGRAISKAVDTVEIVRNRFLPDKIEIKEIRVGSQVVTSQ
DGRQSRVSTIEIAIRKK
;
A,B
2 'polypeptide(L)'
;MTEKLNEIVVRKTKNVEDHVLDVIVLFNQGIDEVILKGTGREISKAVDVYNSLKDRLGDGVQLVNVQTGSEVRDRRRISY
ILLRLKRVY
;
X,Y
#
loop_
_chem_comp.id
_chem_comp.type
_chem_comp.name
_chem_comp.formula
MPD non-polymer (4S)-2-METHYL-2,4-PENTANEDIOL 'C6 H14 O2'
#
# COMPACT_ATOMS: atom_id res chain seq x y z
N SER A 9 -20.18 1.77 -0.63
CA SER A 9 -18.79 1.28 -0.32
C SER A 9 -18.82 -0.10 0.36
N ASN A 10 -17.89 -0.99 -0.04
CA ASN A 10 -17.75 -2.32 0.57
C ASN A 10 -16.48 -2.40 1.45
N VAL A 11 -15.95 -1.26 1.87
CA VAL A 11 -14.73 -1.18 2.64
C VAL A 11 -15.02 -0.87 4.10
N VAL A 12 -14.37 -1.59 4.98
CA VAL A 12 -14.32 -1.28 6.39
C VAL A 12 -12.89 -0.86 6.67
N LEU A 13 -12.71 0.43 6.97
CA LEU A 13 -11.43 0.97 7.31
C LEU A 13 -11.19 0.89 8.80
N ILE A 14 -10.13 0.23 9.22
CA ILE A 14 -9.87 0.04 10.65
C ILE A 14 -9.23 1.31 11.19
N GLY A 15 -9.81 1.84 12.24
CA GLY A 15 -9.24 2.97 13.00
C GLY A 15 -8.89 2.59 14.44
N LYS A 16 -9.18 3.51 15.35
CA LYS A 16 -8.72 3.45 16.74
C LYS A 16 -9.74 2.81 17.68
N LYS A 17 -10.91 2.52 17.16
CA LYS A 17 -12.00 2.04 18.02
C LYS A 17 -11.79 0.57 18.37
N PRO A 18 -12.51 0.07 19.36
CA PRO A 18 -12.43 -1.36 19.69
C PRO A 18 -12.75 -2.27 18.51
N VAL A 19 -12.11 -3.44 18.50
CA VAL A 19 -12.28 -4.37 17.38
C VAL A 19 -13.74 -4.71 17.08
N MET A 20 -14.60 -4.82 18.10
CA MET A 20 -15.96 -5.19 17.86
C MET A 20 -16.77 -4.19 17.05
N ASN A 21 -16.38 -2.92 17.07
CA ASN A 21 -17.01 -1.93 16.22
C ASN A 21 -16.84 -2.26 14.76
N TYR A 22 -15.64 -2.69 14.40
CA TYR A 22 -15.34 -3.06 13.04
C TYR A 22 -15.97 -4.38 12.66
N VAL A 23 -16.05 -5.32 13.59
CA VAL A 23 -16.76 -6.56 13.37
C VAL A 23 -18.23 -6.22 13.05
N LEU A 24 -18.83 -5.36 13.85
CA LEU A 24 -20.21 -4.97 13.59
C LEU A 24 -20.40 -4.31 12.24
N ALA A 25 -19.49 -3.42 11.85
CA ALA A 25 -19.53 -2.78 10.55
C ALA A 25 -19.48 -3.80 9.43
N ALA A 26 -18.60 -4.80 9.56
CA ALA A 26 -18.48 -5.83 8.59
C ALA A 26 -19.77 -6.67 8.48
N LEU A 27 -20.32 -7.03 9.62
CA LEU A 27 -21.49 -7.91 9.69
C LEU A 27 -22.66 -7.15 9.10
N THR A 28 -22.67 -5.84 9.30
CA THR A 28 -23.77 -5.00 8.84
C THR A 28 -23.79 -4.94 7.33
N LEU A 29 -22.62 -4.75 6.69
CA LEU A 29 -22.53 -4.78 5.22
C LEU A 29 -22.95 -6.11 4.67
N LEU A 30 -22.48 -7.19 5.29
CA LEU A 30 -22.78 -8.52 4.82
C LEU A 30 -24.30 -8.78 4.95
N ASN A 31 -24.87 -8.40 6.09
CA ASN A 31 -26.31 -8.57 6.33
C ASN A 31 -27.15 -7.75 5.35
N GLN A 32 -26.62 -6.64 4.85
CA GLN A 32 -27.30 -5.82 3.85
C GLN A 32 -27.26 -6.35 2.42
N GLY A 33 -26.68 -7.52 2.23
CA GLY A 33 -26.60 -8.14 0.91
C GLY A 33 -25.31 -7.91 0.13
N VAL A 34 -24.28 -7.37 0.79
CA VAL A 34 -22.99 -7.18 0.12
C VAL A 34 -22.22 -8.50 0.31
N SER A 35 -21.86 -9.17 -0.77
CA SER A 35 -21.34 -10.53 -0.63
C SER A 35 -19.82 -10.56 -0.47
N GLU A 36 -19.15 -9.46 -0.85
CA GLU A 36 -17.70 -9.31 -0.70
C GLU A 36 -17.40 -7.93 -0.08
N ILE A 37 -16.60 -7.92 0.97
CA ILE A 37 -16.14 -6.70 1.60
C ILE A 37 -14.62 -6.73 1.77
N VAL A 38 -14.04 -5.56 1.95
CA VAL A 38 -12.59 -5.47 2.13
C VAL A 38 -12.27 -4.75 3.42
N ILE A 39 -11.49 -5.40 4.28
CA ILE A 39 -11.09 -4.84 5.53
C ILE A 39 -9.72 -4.22 5.29
N LYS A 40 -9.52 -2.92 5.57
CA LYS A 40 -8.26 -2.23 5.21
C LYS A 40 -7.65 -1.61 6.43
N ALA A 41 -6.33 -1.62 6.53
CA ALA A 41 -5.66 -0.96 7.63
C ALA A 41 -4.26 -0.53 7.30
N ARG A 42 -3.71 0.37 8.11
CA ARG A 42 -2.34 0.79 8.01
C ARG A 42 -1.69 0.71 9.40
N GLY A 43 -0.38 0.50 9.44
CA GLY A 43 0.39 0.52 10.65
C GLY A 43 -0.08 -0.42 11.73
N ARG A 44 -0.19 0.06 12.97
N ARG A 44 -0.18 0.06 12.97
CA ARG A 44 -0.56 -0.81 14.10
CA ARG A 44 -0.54 -0.80 14.08
C ARG A 44 -1.96 -1.37 13.92
C ARG A 44 -1.95 -1.36 13.94
N ALA A 45 -2.81 -0.69 13.17
CA ALA A 45 -4.15 -1.14 12.93
C ALA A 45 -4.24 -2.49 12.16
N ILE A 46 -3.13 -2.90 11.51
CA ILE A 46 -3.11 -4.14 10.76
C ILE A 46 -3.50 -5.31 11.67
N SER A 47 -3.06 -5.31 12.91
CA SER A 47 -3.39 -6.43 13.82
C SER A 47 -4.91 -6.51 14.03
N LYS A 48 -5.54 -5.38 14.23
CA LYS A 48 -6.98 -5.28 14.44
C LYS A 48 -7.74 -5.67 13.16
N ALA A 49 -7.19 -5.39 11.95
CA ALA A 49 -7.78 -5.79 10.70
C ALA A 49 -7.84 -7.33 10.60
N VAL A 50 -6.73 -7.97 10.91
CA VAL A 50 -6.67 -9.41 10.87
C VAL A 50 -7.65 -9.99 11.90
N ASP A 51 -7.67 -9.39 13.06
CA ASP A 51 -8.52 -9.83 14.18
C ASP A 51 -9.98 -9.68 13.83
N THR A 52 -10.37 -8.58 13.18
CA THR A 52 -11.75 -8.40 12.76
C THR A 52 -12.21 -9.56 11.87
N VAL A 53 -11.37 -9.92 10.91
CA VAL A 53 -11.73 -10.97 10.00
C VAL A 53 -11.84 -12.28 10.77
N GLU A 54 -10.91 -12.53 11.67
CA GLU A 54 -10.94 -13.80 12.42
C GLU A 54 -12.19 -13.88 13.31
N ILE A 55 -12.63 -12.78 13.89
CA ILE A 55 -13.82 -12.81 14.78
C ILE A 55 -15.04 -13.11 13.92
N VAL A 56 -15.09 -12.49 12.74
CA VAL A 56 -16.19 -12.72 11.83
C VAL A 56 -16.23 -14.18 11.41
N ARG A 57 -15.09 -14.76 11.06
CA ARG A 57 -15.17 -16.11 10.54
C ARG A 57 -15.14 -17.23 11.60
N ASN A 58 -14.89 -16.93 12.86
CA ASN A 58 -14.99 -17.93 13.94
C ASN A 58 -16.21 -17.82 14.81
N ARG A 59 -16.56 -16.61 15.22
CA ARG A 59 -17.62 -16.41 16.21
C ARG A 59 -18.98 -16.12 15.60
N PHE A 60 -19.03 -15.44 14.46
CA PHE A 60 -20.31 -14.96 13.91
C PHE A 60 -20.79 -15.67 12.65
N LEU A 61 -19.89 -15.95 11.72
CA LEU A 61 -20.22 -16.61 10.46
C LEU A 61 -19.28 -17.79 10.17
N PRO A 62 -19.11 -18.69 11.14
CA PRO A 62 -18.23 -19.83 10.92
C PRO A 62 -18.78 -20.67 9.76
N ASP A 63 -17.90 -20.98 8.81
CA ASP A 63 -18.22 -21.75 7.63
C ASP A 63 -19.05 -21.02 6.58
N LYS A 64 -19.23 -19.73 6.75
CA LYS A 64 -20.03 -18.95 5.82
C LYS A 64 -19.26 -17.78 5.19
N ILE A 65 -18.00 -17.68 5.51
N ILE A 65 -18.00 -17.64 5.55
CA ILE A 65 -17.15 -16.64 4.94
CA ILE A 65 -17.17 -16.59 4.95
C ILE A 65 -15.79 -17.25 4.63
C ILE A 65 -15.76 -17.18 4.69
N GLU A 66 -15.14 -16.75 3.59
CA GLU A 66 -13.75 -17.13 3.31
C GLU A 66 -12.97 -15.89 2.94
N ILE A 67 -11.66 -15.99 3.03
CA ILE A 67 -10.78 -14.96 2.56
C ILE A 67 -10.50 -15.14 1.08
N LYS A 68 -10.86 -14.13 0.28
CA LYS A 68 -10.60 -14.17 -1.17
C LYS A 68 -9.16 -13.82 -1.48
N GLU A 69 -8.63 -12.79 -0.78
CA GLU A 69 -7.26 -12.38 -1.04
C GLU A 69 -6.76 -11.55 0.14
N ILE A 70 -5.48 -11.60 0.38
CA ILE A 70 -4.81 -10.76 1.36
C ILE A 70 -3.81 -9.93 0.56
N ARG A 71 -3.80 -8.61 0.78
CA ARG A 71 -2.87 -7.70 0.14
C ARG A 71 -1.98 -7.13 1.20
N VAL A 72 -0.70 -7.39 1.13
CA VAL A 72 0.26 -6.93 2.10
C VAL A 72 1.20 -5.94 1.40
N GLY A 73 1.35 -4.75 1.97
CA GLY A 73 2.07 -3.68 1.31
C GLY A 73 2.74 -2.73 2.26
N SER A 74 3.27 -1.69 1.63
CA SER A 74 4.01 -0.65 2.31
C SER A 74 3.81 0.61 1.54
N GLN A 75 3.77 1.74 2.23
CA GLN A 75 3.72 3.00 1.53
C GLN A 75 4.76 3.94 2.04
N VAL A 76 5.25 4.76 1.12
CA VAL A 76 6.09 5.91 1.50
C VAL A 76 5.19 7.15 1.59
N VAL A 77 5.18 7.76 2.75
CA VAL A 77 4.32 8.90 3.10
C VAL A 77 5.21 10.16 3.02
N THR A 78 4.86 11.07 2.12
CA THR A 78 5.60 12.35 1.97
C THR A 78 4.66 13.44 2.37
N SER A 79 5.09 14.25 3.36
N SER A 79 5.10 14.31 3.28
CA SER A 79 4.31 15.41 3.83
CA SER A 79 4.25 15.42 3.69
C SER A 79 4.74 16.70 3.12
C SER A 79 4.74 16.71 3.09
N GLN A 80 4.09 17.81 3.45
CA GLN A 80 4.38 19.11 2.80
C GLN A 80 5.74 19.65 3.02
N ASP A 81 6.37 19.24 4.12
CA ASP A 81 7.73 19.57 4.37
C ASP A 81 8.74 18.78 3.57
N GLY A 82 8.26 17.77 2.84
CA GLY A 82 9.12 16.89 2.08
C GLY A 82 9.70 15.70 2.83
N ARG A 83 9.41 15.58 4.13
CA ARG A 83 9.93 14.47 4.93
C ARG A 83 9.02 13.26 4.80
N GLN A 84 9.60 12.12 5.05
CA GLN A 84 8.99 10.86 4.70
C GLN A 84 9.01 9.90 5.83
N SER A 85 8.00 9.04 5.83
CA SER A 85 7.99 7.87 6.69
C SER A 85 7.48 6.70 5.89
N ARG A 86 7.70 5.49 6.39
N ARG A 86 7.72 5.49 6.39
CA ARG A 86 7.21 4.29 5.74
CA ARG A 86 7.28 4.24 5.73
C ARG A 86 6.18 3.66 6.67
C ARG A 86 6.25 3.59 6.64
N VAL A 87 5.12 3.18 6.08
CA VAL A 87 4.01 2.61 6.83
C VAL A 87 3.56 1.32 6.17
N SER A 88 3.42 0.25 6.97
CA SER A 88 2.83 -0.96 6.47
C SER A 88 1.35 -0.88 6.21
N THR A 89 0.86 -1.69 5.25
CA THR A 89 -0.55 -1.75 4.92
C THR A 89 -1.00 -3.18 4.77
N ILE A 90 -2.27 -3.40 5.07
CA ILE A 90 -2.95 -4.66 4.74
C ILE A 90 -4.37 -4.39 4.25
N GLU A 91 -4.83 -5.26 3.35
CA GLU A 91 -6.23 -5.26 2.93
C GLU A 91 -6.62 -6.73 2.82
N ILE A 92 -7.73 -7.08 3.41
CA ILE A 92 -8.25 -8.45 3.40
C ILE A 92 -9.63 -8.45 2.78
N ALA A 93 -9.76 -9.11 1.63
CA ALA A 93 -11.04 -9.22 0.94
C ALA A 93 -11.69 -10.52 1.37
N ILE A 94 -12.90 -10.44 1.91
CA ILE A 94 -13.65 -11.62 2.38
C ILE A 94 -14.99 -11.70 1.68
N ARG A 95 -15.50 -12.93 1.53
CA ARG A 95 -16.67 -13.14 0.73
C ARG A 95 -17.49 -14.26 1.32
N LYS A 96 -18.77 -14.18 1.14
CA LYS A 96 -19.69 -15.24 1.54
C LYS A 96 -19.46 -16.53 0.76
N LYS A 97 -19.69 -17.67 1.38
N LYS A 97 -19.66 -17.63 1.48
CA LYS A 97 -19.67 -18.93 0.65
CA LYS A 97 -19.62 -19.01 0.99
C LYS A 97 -20.94 -19.69 0.99
C LYS A 97 -20.60 -19.88 1.82
N SER B 9 -14.75 6.87 4.64
CA SER B 9 -15.73 7.78 5.29
C SER B 9 -15.33 9.27 5.21
N ASN B 10 -14.04 9.62 5.46
CA ASN B 10 -13.45 10.81 4.76
C ASN B 10 -12.67 10.37 3.51
N VAL B 11 -12.91 9.15 3.04
CA VAL B 11 -12.18 8.60 1.90
C VAL B 11 -13.03 8.60 0.65
N VAL B 12 -12.45 9.02 -0.46
CA VAL B 12 -13.00 8.81 -1.78
C VAL B 12 -12.16 7.78 -2.53
N LEU B 13 -12.69 6.55 -2.65
CA LEU B 13 -12.02 5.48 -3.36
C LEU B 13 -12.31 5.52 -4.81
N ILE B 14 -11.29 5.67 -5.62
CA ILE B 14 -11.47 5.78 -7.07
C ILE B 14 -11.76 4.42 -7.68
N GLY B 15 -12.81 4.37 -8.51
CA GLY B 15 -13.17 3.16 -9.25
C GLY B 15 -13.22 3.42 -10.75
N LYS B 16 -14.15 2.75 -11.42
CA LYS B 16 -14.18 2.79 -12.87
C LYS B 16 -15.12 3.85 -13.45
N LYS B 17 -15.76 4.62 -12.59
CA LYS B 17 -16.70 5.68 -13.03
C LYS B 17 -16.00 6.88 -13.62
N PRO B 18 -16.70 7.70 -14.42
CA PRO B 18 -16.08 8.96 -14.88
C PRO B 18 -15.48 9.79 -13.73
N VAL B 19 -14.35 10.43 -14.00
CA VAL B 19 -13.63 11.26 -13.03
C VAL B 19 -14.52 12.25 -12.28
N MET B 20 -15.50 12.84 -12.95
CA MET B 20 -16.35 13.81 -12.28
C MET B 20 -17.17 13.23 -11.14
N ASN B 21 -17.49 11.94 -11.18
CA ASN B 21 -18.23 11.32 -10.09
C ASN B 21 -17.40 11.46 -8.81
N TYR B 22 -16.08 11.29 -8.95
CA TYR B 22 -15.20 11.33 -7.77
C TYR B 22 -14.93 12.76 -7.32
N VAL B 23 -14.82 13.68 -8.29
CA VAL B 23 -14.73 15.11 -8.02
C VAL B 23 -15.94 15.52 -7.22
N LEU B 24 -17.12 15.17 -7.66
CA LEU B 24 -18.34 15.55 -6.93
C LEU B 24 -18.37 14.97 -5.53
N ALA B 25 -17.93 13.71 -5.37
CA ALA B 25 -17.89 13.06 -4.05
C ALA B 25 -16.96 13.80 -3.09
N ALA B 26 -15.81 14.21 -3.62
CA ALA B 26 -14.85 15.00 -2.85
C ALA B 26 -15.41 16.37 -2.47
N LEU B 27 -16.01 17.06 -3.43
CA LEU B 27 -16.62 18.38 -3.19
C LEU B 27 -17.73 18.30 -2.11
N THR B 28 -18.49 17.25 -2.16
CA THR B 28 -19.58 16.99 -1.21
C THR B 28 -19.06 16.88 0.21
N LEU B 29 -18.04 16.05 0.42
CA LEU B 29 -17.40 15.96 1.73
C LEU B 29 -16.84 17.30 2.20
N LEU B 30 -16.13 18.00 1.33
CA LEU B 30 -15.55 19.27 1.68
C LEU B 30 -16.65 20.27 2.07
N ASN B 31 -17.75 20.27 1.30
CA ASN B 31 -18.85 21.23 1.52
C ASN B 31 -19.60 20.96 2.81
N GLN B 32 -19.66 19.69 3.20
CA GLN B 32 -20.21 19.23 4.48
C GLN B 32 -19.34 19.58 5.68
N GLY B 33 -18.19 20.20 5.46
CA GLY B 33 -17.33 20.65 6.55
C GLY B 33 -16.26 19.67 6.98
N VAL B 34 -16.11 18.57 6.26
CA VAL B 34 -15.06 17.60 6.58
C VAL B 34 -13.72 18.33 6.33
N SER B 35 -12.85 18.33 7.34
N SER B 35 -12.84 18.30 7.33
CA SER B 35 -11.60 19.06 7.31
CA SER B 35 -11.60 19.06 7.35
C SER B 35 -10.61 18.50 6.27
C SER B 35 -10.57 18.50 6.32
N GLU B 36 -10.45 17.20 6.29
CA GLU B 36 -9.44 16.56 5.46
C GLU B 36 -10.10 15.40 4.79
N ILE B 37 -9.84 15.22 3.51
CA ILE B 37 -10.29 14.02 2.84
C ILE B 37 -9.13 13.33 2.17
N VAL B 38 -9.31 12.06 1.93
CA VAL B 38 -8.26 11.24 1.32
C VAL B 38 -8.80 10.61 0.05
N ILE B 39 -8.11 10.87 -1.06
CA ILE B 39 -8.47 10.25 -2.34
C ILE B 39 -7.53 9.02 -2.45
N LYS B 40 -8.10 7.84 -2.66
N LYS B 40 -8.11 7.83 -2.62
CA LYS B 40 -7.32 6.60 -2.69
CA LYS B 40 -7.34 6.58 -2.64
C LYS B 40 -7.57 5.86 -3.97
C LYS B 40 -7.57 5.85 -3.95
N ALA B 41 -6.54 5.17 -4.44
CA ALA B 41 -6.69 4.34 -5.61
C ALA B 41 -5.65 3.26 -5.67
N ARG B 42 -5.95 2.23 -6.47
CA ARG B 42 -5.03 1.14 -6.76
C ARG B 42 -4.90 1.00 -8.26
N GLY B 43 -3.73 0.56 -8.71
CA GLY B 43 -3.50 0.20 -10.09
C GLY B 43 -3.75 1.35 -11.05
N ARG B 44 -4.42 1.06 -12.18
CA ARG B 44 -4.64 2.07 -13.21
C ARG B 44 -5.49 3.24 -12.72
N ALA B 45 -6.24 3.06 -11.64
CA ALA B 45 -7.07 4.09 -11.07
C ALA B 45 -6.27 5.21 -10.45
N ILE B 46 -4.98 4.96 -10.21
CA ILE B 46 -4.08 5.96 -9.68
C ILE B 46 -4.10 7.26 -10.55
N SER B 47 -4.17 7.11 -11.87
CA SER B 47 -4.22 8.31 -12.75
C SER B 47 -5.44 9.16 -12.47
N LYS B 48 -6.59 8.54 -12.33
CA LYS B 48 -7.83 9.24 -12.01
C LYS B 48 -7.83 9.84 -10.61
N ALA B 49 -7.12 9.20 -9.67
CA ALA B 49 -6.99 9.75 -8.32
C ALA B 49 -6.25 11.08 -8.39
N VAL B 50 -5.14 11.13 -9.12
CA VAL B 50 -4.39 12.38 -9.20
C VAL B 50 -5.27 13.40 -9.90
N ASP B 51 -5.91 12.99 -10.99
CA ASP B 51 -6.72 13.89 -11.83
C ASP B 51 -7.87 14.47 -11.02
N THR B 52 -8.48 13.66 -10.15
CA THR B 52 -9.56 14.11 -9.31
C THR B 52 -9.10 15.25 -8.41
N VAL B 53 -7.97 15.09 -7.72
CA VAL B 53 -7.39 16.16 -6.91
C VAL B 53 -7.08 17.40 -7.74
N GLU B 54 -6.55 17.20 -8.94
CA GLU B 54 -6.18 18.35 -9.79
C GLU B 54 -7.42 19.14 -10.21
N ILE B 55 -8.50 18.44 -10.51
CA ILE B 55 -9.75 19.13 -10.92
C ILE B 55 -10.36 19.90 -9.72
N VAL B 56 -10.39 19.26 -8.56
CA VAL B 56 -10.87 19.91 -7.36
C VAL B 56 -10.08 21.19 -7.10
N ARG B 57 -8.73 21.14 -7.19
CA ARG B 57 -7.92 22.21 -6.67
C ARG B 57 -7.79 23.32 -7.71
N ASN B 58 -8.11 23.05 -8.99
CA ASN B 58 -8.00 24.05 -10.04
C ASN B 58 -9.34 24.59 -10.56
N ARG B 59 -10.27 23.71 -10.87
CA ARG B 59 -11.56 24.12 -11.45
C ARG B 59 -12.55 24.58 -10.42
N PHE B 60 -12.63 23.90 -9.29
CA PHE B 60 -13.69 24.15 -8.33
C PHE B 60 -13.26 24.93 -7.10
N LEU B 61 -12.05 24.67 -6.58
CA LEU B 61 -11.57 25.31 -5.37
C LEU B 61 -10.16 25.89 -5.54
N PRO B 62 -9.97 26.72 -6.59
CA PRO B 62 -8.68 27.35 -6.75
C PRO B 62 -8.43 28.21 -5.54
N ASP B 63 -7.20 28.21 -5.06
N ASP B 63 -7.21 28.17 -5.04
CA ASP B 63 -6.74 29.02 -3.91
CA ASP B 63 -6.79 29.03 -3.96
C ASP B 63 -7.19 28.49 -2.55
C ASP B 63 -7.26 28.54 -2.59
N LYS B 64 -7.86 27.35 -2.54
CA LYS B 64 -8.52 26.89 -1.34
C LYS B 64 -8.09 25.51 -0.87
N ILE B 65 -7.30 24.79 -1.65
CA ILE B 65 -6.92 23.43 -1.28
C ILE B 65 -5.42 23.31 -1.11
N GLU B 66 -4.99 22.54 -0.12
CA GLU B 66 -3.62 22.11 -0.11
C GLU B 66 -3.54 20.60 -0.02
N ILE B 67 -2.49 20.06 -0.59
CA ILE B 67 -2.18 18.63 -0.45
C ILE B 67 -1.32 18.52 0.79
N LYS B 68 -1.85 17.81 1.78
CA LYS B 68 -1.12 17.55 3.03
C LYS B 68 -0.14 16.38 2.92
N GLU B 69 -0.49 15.30 2.21
CA GLU B 69 0.39 14.12 2.13
C GLU B 69 0.09 13.40 0.85
N ILE B 70 1.12 12.85 0.21
CA ILE B 70 0.91 11.83 -0.80
C ILE B 70 1.57 10.56 -0.29
N ARG B 71 0.83 9.46 -0.35
CA ARG B 71 1.30 8.15 0.07
C ARG B 71 1.39 7.27 -1.17
N VAL B 72 2.61 6.87 -1.52
CA VAL B 72 2.83 6.03 -2.67
C VAL B 72 3.22 4.63 -2.16
N GLY B 73 2.39 3.68 -2.52
CA GLY B 73 2.58 2.31 -2.02
C GLY B 73 2.59 1.23 -3.07
N SER B 74 2.86 0.02 -2.58
CA SER B 74 2.79 -1.14 -3.40
C SER B 74 2.45 -2.30 -2.54
N GLN B 75 1.65 -3.21 -3.07
CA GLN B 75 1.23 -4.37 -2.28
C GLN B 75 1.35 -5.67 -3.09
N VAL B 76 1.67 -6.75 -2.39
CA VAL B 76 1.61 -8.11 -2.94
C VAL B 76 0.22 -8.62 -2.63
N VAL B 77 -0.54 -9.01 -3.67
CA VAL B 77 -1.87 -9.59 -3.57
C VAL B 77 -1.75 -11.10 -3.68
N THR B 78 -2.14 -11.82 -2.63
CA THR B 78 -2.15 -13.28 -2.68
C THR B 78 -3.60 -13.71 -2.63
N SER B 79 -4.01 -14.44 -3.67
CA SER B 79 -5.38 -14.95 -3.76
C SER B 79 -5.57 -16.32 -3.09
N GLN B 80 -6.81 -16.64 -2.77
CA GLN B 80 -7.16 -17.91 -2.12
C GLN B 80 -6.59 -19.13 -2.87
N ASP B 81 -6.57 -19.01 -4.19
CA ASP B 81 -6.06 -20.09 -5.05
C ASP B 81 -4.55 -20.08 -5.32
N GLY B 82 -3.82 -19.19 -4.64
CA GLY B 82 -2.40 -19.09 -4.76
C GLY B 82 -1.82 -18.12 -5.76
N ARG B 83 -2.66 -17.51 -6.59
CA ARG B 83 -2.17 -16.52 -7.53
C ARG B 83 -1.62 -15.32 -6.75
N GLN B 84 -0.57 -14.73 -7.26
CA GLN B 84 -0.02 -13.52 -6.68
C GLN B 84 0.17 -12.49 -7.76
N SER B 85 0.02 -11.23 -7.37
CA SER B 85 0.34 -10.12 -8.23
C SER B 85 0.83 -8.96 -7.36
N ARG B 86 1.43 -7.98 -8.01
CA ARG B 86 1.89 -6.77 -7.34
C ARG B 86 1.11 -5.59 -7.90
N VAL B 87 0.59 -4.76 -7.01
CA VAL B 87 -0.28 -3.64 -7.41
C VAL B 87 0.19 -2.36 -6.71
N SER B 88 0.31 -1.29 -7.48
CA SER B 88 0.54 0.03 -6.91
C SER B 88 -0.66 0.65 -6.24
N THR B 89 -0.39 1.49 -5.24
CA THR B 89 -1.39 2.26 -4.57
C THR B 89 -0.98 3.72 -4.39
N ILE B 90 -1.98 4.56 -4.32
CA ILE B 90 -1.82 5.97 -3.96
C ILE B 90 -2.89 6.42 -3.03
N GLU B 91 -2.52 7.30 -2.12
CA GLU B 91 -3.48 8.02 -1.27
C GLU B 91 -3.03 9.47 -1.23
N ILE B 92 -3.98 10.38 -1.43
CA ILE B 92 -3.65 11.83 -1.47
C ILE B 92 -4.59 12.51 -0.48
N ALA B 93 -4.02 13.01 0.60
CA ALA B 93 -4.78 13.69 1.64
C ALA B 93 -4.79 15.17 1.33
N ILE B 94 -5.97 15.74 1.22
CA ILE B 94 -6.14 17.15 0.94
C ILE B 94 -6.98 17.81 2.01
N ARG B 95 -6.76 19.12 2.17
CA ARG B 95 -7.44 19.93 3.18
C ARG B 95 -7.74 21.33 2.63
N LYS B 96 -8.70 22.02 3.23
CA LYS B 96 -8.85 23.47 3.04
C LYS B 96 -7.75 24.32 3.71
N LYS B 97 -7.17 25.25 2.96
N LYS B 97 -7.27 25.26 2.91
CA LYS B 97 -5.94 25.95 3.37
CA LYS B 97 -6.46 26.40 3.30
C LYS B 97 -6.17 26.94 4.52
C LYS B 97 -7.22 27.31 4.29
N LYS C 4 12.46 -28.91 9.83
N LYS C 4 12.20 -28.38 10.28
CA LYS C 4 12.94 -28.55 8.46
CA LYS C 4 13.14 -28.20 9.13
C LYS C 4 12.75 -27.05 8.26
C LYS C 4 12.78 -26.99 8.23
N LEU C 5 11.49 -26.63 8.08
CA LEU C 5 11.17 -25.23 7.67
C LEU C 5 11.28 -24.33 8.92
N ASN C 6 11.98 -23.20 8.79
CA ASN C 6 12.31 -22.34 9.93
C ASN C 6 11.21 -21.29 10.14
N GLU C 7 10.62 -21.25 11.33
CA GLU C 7 9.63 -20.21 11.69
C GLU C 7 10.25 -19.25 12.72
N ILE C 8 10.19 -17.95 12.45
CA ILE C 8 10.64 -16.95 13.42
C ILE C 8 9.39 -16.29 13.99
N VAL C 9 9.17 -16.46 15.28
CA VAL C 9 8.11 -15.76 15.97
C VAL C 9 8.59 -14.33 16.25
N VAL C 10 7.75 -13.36 15.90
CA VAL C 10 8.07 -11.96 16.09
C VAL C 10 7.54 -11.56 17.42
N ARG C 11 8.43 -11.31 18.37
CA ARG C 11 8.10 -11.17 19.76
C ARG C 11 8.12 -9.73 20.23
N LYS C 12 7.46 -9.49 21.35
CA LYS C 12 7.52 -8.19 21.99
C LYS C 12 8.90 -7.78 22.44
N THR C 13 9.76 -8.73 22.74
CA THR C 13 11.00 -8.43 23.45
C THR C 13 12.20 -8.07 22.58
N LYS C 14 11.96 -7.87 21.29
CA LYS C 14 13.02 -7.45 20.39
C LYS C 14 12.32 -6.52 19.41
N ASN C 15 12.97 -5.45 19.02
CA ASN C 15 12.41 -4.49 18.09
C ASN C 15 12.39 -5.02 16.65
N VAL C 16 11.70 -4.31 15.77
CA VAL C 16 11.70 -4.70 14.36
C VAL C 16 13.07 -4.85 13.74
N GLU C 17 13.98 -3.88 13.91
CA GLU C 17 15.27 -3.90 13.21
C GLU C 17 16.09 -5.14 13.63
N ASP C 18 16.02 -5.47 14.92
CA ASP C 18 16.82 -6.61 15.42
C ASP C 18 16.23 -7.94 14.86
N HIS C 19 14.91 -8.04 14.70
CA HIS C 19 14.33 -9.23 14.06
C HIS C 19 14.75 -9.32 12.60
N VAL C 20 14.75 -8.19 11.89
CA VAL C 20 15.21 -8.14 10.49
C VAL C 20 16.66 -8.68 10.39
N LEU C 21 17.51 -8.22 11.29
CA LEU C 21 18.91 -8.59 11.27
C LEU C 21 19.08 -10.09 11.63
N ASP C 22 18.20 -10.61 12.50
CA ASP C 22 18.19 -12.06 12.83
C ASP C 22 17.88 -12.85 11.57
N VAL C 23 16.96 -12.34 10.73
CA VAL C 23 16.65 -13.03 9.47
C VAL C 23 17.85 -12.94 8.49
N ILE C 24 18.54 -11.81 8.42
CA ILE C 24 19.74 -11.73 7.59
C ILE C 24 20.81 -12.75 8.02
N VAL C 25 21.01 -12.91 9.31
CA VAL C 25 21.90 -13.93 9.82
C VAL C 25 21.51 -15.30 9.29
N LEU C 26 20.22 -15.64 9.37
CA LEU C 26 19.74 -16.97 8.91
C LEU C 26 20.05 -17.13 7.44
N PHE C 27 19.74 -16.08 6.67
CA PHE C 27 19.98 -16.16 5.25
C PHE C 27 21.46 -16.36 4.93
N ASN C 28 22.33 -15.74 5.69
CA ASN C 28 23.75 -15.81 5.46
C ASN C 28 24.32 -17.17 5.85
N GLN C 29 23.54 -17.96 6.56
CA GLN C 29 23.94 -19.30 6.93
C GLN C 29 23.27 -20.34 6.06
N GLY C 30 22.72 -19.91 4.91
CA GLY C 30 22.13 -20.84 3.95
C GLY C 30 20.70 -21.26 4.22
N ILE C 31 20.04 -20.59 5.15
CA ILE C 31 18.63 -20.77 5.26
C ILE C 31 18.20 -19.92 4.03
N ASP C 32 17.30 -20.42 3.20
N ASP C 32 17.27 -20.48 3.25
CA ASP C 32 16.83 -19.58 2.10
CA ASP C 32 16.78 -19.84 2.04
C ASP C 32 15.31 -19.40 2.15
C ASP C 32 15.37 -19.29 2.23
N GLU C 33 14.71 -19.75 3.27
CA GLU C 33 13.29 -19.51 3.47
C GLU C 33 12.96 -19.45 4.93
N VAL C 34 12.12 -18.49 5.29
N VAL C 34 12.05 -18.54 5.27
CA VAL C 34 11.66 -18.37 6.63
CA VAL C 34 11.71 -18.27 6.64
C VAL C 34 10.19 -18.02 6.65
C VAL C 34 10.21 -17.97 6.66
N ILE C 35 9.52 -18.40 7.71
CA ILE C 35 8.12 -18.00 7.93
C ILE C 35 8.17 -17.07 9.12
N LEU C 36 7.75 -15.81 8.93
CA LEU C 36 7.52 -14.93 10.07
C LEU C 36 6.13 -15.14 10.64
N LYS C 37 6.03 -15.27 11.97
CA LYS C 37 4.76 -15.41 12.61
C LYS C 37 4.59 -14.32 13.63
N GLY C 38 3.42 -13.69 13.59
CA GLY C 38 3.01 -12.79 14.66
C GLY C 38 1.64 -13.11 15.15
N THR C 39 1.41 -12.97 16.45
CA THR C 39 0.11 -13.18 17.03
C THR C 39 -0.36 -11.96 17.78
N GLY C 40 -1.66 -11.75 17.79
CA GLY C 40 -2.25 -10.66 18.55
C GLY C 40 -1.69 -9.33 18.04
N ARG C 41 -1.23 -8.46 18.93
CA ARG C 41 -0.74 -7.14 18.52
C ARG C 41 0.55 -7.25 17.77
N GLU C 42 1.22 -8.41 17.80
CA GLU C 42 2.47 -8.58 17.06
C GLU C 42 2.23 -8.94 15.59
N ILE C 43 0.98 -9.07 15.16
CA ILE C 43 0.68 -9.24 13.75
C ILE C 43 1.24 -8.06 12.93
N SER C 44 0.95 -6.84 13.36
CA SER C 44 1.51 -5.68 12.63
C SER C 44 3.00 -5.67 12.69
N LYS C 45 3.58 -6.07 13.81
CA LYS C 45 5.02 -6.10 13.97
C LYS C 45 5.67 -7.08 12.97
N ALA C 46 5.05 -8.25 12.77
CA ALA C 46 5.52 -9.21 11.79
C ALA C 46 5.51 -8.61 10.35
N VAL C 47 4.43 -7.89 10.01
CA VAL C 47 4.35 -7.26 8.69
C VAL C 47 5.46 -6.23 8.59
N ASP C 48 5.69 -5.45 9.64
CA ASP C 48 6.78 -4.46 9.65
C ASP C 48 8.16 -5.10 9.43
N VAL C 49 8.39 -6.27 10.00
CA VAL C 49 9.61 -6.99 9.80
C VAL C 49 9.76 -7.40 8.34
N TYR C 50 8.71 -7.95 7.77
CA TYR C 50 8.71 -8.35 6.38
C TYR C 50 9.06 -7.09 5.54
N ASN C 51 8.35 -5.99 5.78
CA ASN C 51 8.57 -4.82 4.91
C ASN C 51 9.95 -4.24 5.04
N SER C 52 10.52 -4.30 6.25
N SER C 52 10.54 -4.29 6.23
CA SER C 52 11.87 -3.80 6.47
CA SER C 52 11.91 -3.78 6.41
C SER C 52 12.90 -4.68 5.77
C SER C 52 12.94 -4.69 5.75
N LEU C 53 12.69 -5.99 5.80
CA LEU C 53 13.55 -6.94 5.10
C LEU C 53 13.48 -6.66 3.60
N LYS C 54 12.27 -6.44 3.10
CA LYS C 54 12.05 -6.17 1.70
C LYS C 54 12.78 -4.88 1.31
N ASP C 55 12.82 -3.91 2.19
N ASP C 55 12.78 -3.90 2.20
CA ASP C 55 13.57 -2.68 1.90
CA ASP C 55 13.57 -2.67 1.99
C ASP C 55 15.11 -2.95 1.88
C ASP C 55 15.08 -3.00 1.85
N ARG C 56 15.58 -3.85 2.74
CA ARG C 56 17.02 -4.14 2.82
C ARG C 56 17.51 -4.99 1.66
N LEU C 57 16.63 -5.85 1.11
CA LEU C 57 17.10 -6.86 0.18
C LEU C 57 16.59 -6.69 -1.21
N GLY C 58 15.51 -5.94 -1.37
CA GLY C 58 14.92 -5.72 -2.68
C GLY C 58 14.53 -7.03 -3.34
N ASP C 59 15.10 -7.29 -4.53
CA ASP C 59 14.71 -8.45 -5.32
C ASP C 59 15.43 -9.69 -4.80
N GLY C 60 16.24 -9.52 -3.75
CA GLY C 60 16.80 -10.67 -3.10
C GLY C 60 15.80 -11.42 -2.20
N VAL C 61 14.60 -10.92 -1.98
CA VAL C 61 13.66 -11.64 -1.13
C VAL C 61 12.27 -11.47 -1.71
N GLN C 62 11.46 -12.49 -1.59
CA GLN C 62 10.07 -12.46 -2.05
C GLN C 62 9.10 -13.00 -1.05
N LEU C 63 7.98 -12.31 -0.89
CA LEU C 63 6.84 -12.82 -0.17
C LEU C 63 6.10 -13.83 -0.97
N VAL C 64 6.34 -15.11 -0.72
CA VAL C 64 5.74 -16.16 -1.54
C VAL C 64 4.36 -16.64 -1.06
N ASN C 65 4.02 -16.38 0.18
CA ASN C 65 2.70 -16.71 0.69
C ASN C 65 2.41 -15.94 1.96
N VAL C 66 1.12 -15.79 2.24
CA VAL C 66 0.67 -15.18 3.48
C VAL C 66 -0.59 -15.93 3.89
N GLN C 67 -0.76 -16.14 5.18
CA GLN C 67 -1.92 -16.80 5.75
C GLN C 67 -2.26 -16.12 7.06
N THR C 68 -3.55 -15.89 7.28
CA THR C 68 -4.04 -15.50 8.59
C THR C 68 -4.93 -16.59 9.11
N GLY C 69 -5.12 -16.57 10.42
CA GLY C 69 -5.88 -17.62 11.07
C GLY C 69 -5.96 -17.38 12.55
N SER C 70 -6.51 -18.38 13.27
CA SER C 70 -6.65 -18.35 14.71
C SER C 70 -6.09 -19.59 15.36
N GLU C 71 -5.60 -19.41 16.57
CA GLU C 71 -5.23 -20.51 17.44
C GLU C 71 -6.06 -20.34 18.70
N VAL C 72 -6.15 -21.41 19.46
CA VAL C 72 -6.85 -21.31 20.74
C VAL C 72 -5.78 -21.65 21.81
N ARG C 73 -5.49 -20.71 22.70
CA ARG C 73 -4.53 -20.98 23.78
C ARG C 73 -5.18 -20.63 25.07
N ASP C 74 -5.26 -21.63 25.92
CA ASP C 74 -5.86 -21.46 27.24
C ASP C 74 -7.28 -20.91 27.12
N ARG C 75 -8.03 -21.45 26.15
CA ARG C 75 -9.43 -21.12 25.87
C ARG C 75 -9.67 -19.71 25.36
N ARG C 76 -8.64 -19.09 24.84
CA ARG C 76 -8.79 -17.80 24.22
C ARG C 76 -8.42 -17.94 22.76
N ARG C 77 -9.30 -17.47 21.88
N ARG C 77 -9.32 -17.46 21.90
CA ARG C 77 -8.92 -17.42 20.46
CA ARG C 77 -9.03 -17.32 20.48
C ARG C 77 -8.08 -16.18 20.12
C ARG C 77 -8.04 -16.15 20.28
N ILE C 78 -6.94 -16.44 19.49
N ILE C 78 -6.93 -16.45 19.61
CA ILE C 78 -5.89 -15.44 19.22
CA ILE C 78 -5.97 -15.42 19.24
C ILE C 78 -5.50 -15.50 17.76
C ILE C 78 -5.79 -15.48 17.73
N SER C 79 -5.53 -14.33 17.11
CA SER C 79 -5.24 -14.28 15.69
C SER C 79 -3.76 -14.34 15.39
N TYR C 80 -3.41 -14.87 14.23
CA TYR C 80 -2.04 -14.88 13.75
C TYR C 80 -1.93 -14.53 12.28
N ILE C 81 -0.73 -14.11 11.91
CA ILE C 81 -0.33 -14.03 10.53
C ILE C 81 0.97 -14.81 10.37
N LEU C 82 1.12 -15.42 9.19
CA LEU C 82 2.30 -16.09 8.74
C LEU C 82 2.68 -15.51 7.41
N LEU C 83 3.92 -15.06 7.30
CA LEU C 83 4.48 -14.49 6.05
C LEU C 83 5.66 -15.42 5.67
N ARG C 84 5.55 -16.02 4.51
CA ARG C 84 6.59 -16.92 3.99
C ARG C 84 7.48 -16.16 3.04
N LEU C 85 8.73 -15.98 3.45
CA LEU C 85 9.74 -15.28 2.70
C LEU C 85 10.77 -16.23 2.11
N LYS C 86 11.07 -16.03 0.84
CA LYS C 86 12.07 -16.82 0.15
C LYS C 86 13.21 -15.91 -0.34
N ARG C 87 14.43 -16.31 -0.03
CA ARG C 87 15.58 -15.61 -0.57
C ARG C 87 15.75 -16.02 -2.01
N VAL C 88 15.99 -15.03 -2.87
CA VAL C 88 16.16 -15.22 -4.29
C VAL C 88 17.62 -14.93 -4.62
N TYR C 89 18.17 -15.73 -5.51
CA TYR C 89 19.10 -15.17 -6.50
C TYR C 89 19.61 -16.24 -7.44
N LYS D 4 14.54 15.84 -20.48
CA LYS D 4 15.97 16.05 -20.15
C LYS D 4 16.75 14.74 -20.15
N LEU D 5 18.08 14.85 -20.15
CA LEU D 5 18.95 13.68 -19.95
C LEU D 5 18.61 12.96 -18.63
N ASN D 6 18.00 13.71 -17.71
CA ASN D 6 17.64 13.22 -16.38
C ASN D 6 16.11 13.17 -16.07
N GLU D 7 15.26 13.75 -16.93
CA GLU D 7 13.79 13.58 -16.80
C GLU D 7 13.40 12.48 -17.77
N ILE D 8 12.62 11.52 -17.29
CA ILE D 8 12.13 10.46 -18.11
C ILE D 8 10.62 10.60 -18.23
N VAL D 9 10.14 10.80 -19.45
CA VAL D 9 8.72 10.95 -19.68
C VAL D 9 8.21 9.55 -19.96
N VAL D 10 7.31 9.11 -19.11
CA VAL D 10 6.75 7.78 -19.24
C VAL D 10 5.82 7.69 -20.46
N ARG D 11 5.84 6.57 -21.13
N ARG D 11 6.13 6.78 -21.40
CA ARG D 11 5.18 6.52 -22.45
CA ARG D 11 5.29 6.49 -22.63
C ARG D 11 4.16 5.40 -22.50
C ARG D 11 4.17 5.42 -22.49
N LYS D 12 3.05 5.65 -23.17
CA LYS D 12 1.95 4.68 -23.20
C LYS D 12 2.38 3.36 -23.87
N THR D 13 3.22 3.48 -24.90
CA THR D 13 3.63 2.34 -25.75
C THR D 13 4.82 1.54 -25.20
N LYS D 14 5.39 1.98 -24.08
CA LYS D 14 6.38 1.15 -23.37
C LYS D 14 5.74 0.57 -22.10
N ASN D 15 6.03 -0.67 -21.79
CA ASN D 15 5.50 -1.27 -20.57
C ASN D 15 6.33 -0.87 -19.37
N VAL D 16 5.92 -1.32 -18.18
CA VAL D 16 6.62 -0.92 -16.94
C VAL D 16 8.09 -1.33 -16.98
N GLU D 17 8.36 -2.60 -17.29
CA GLU D 17 9.72 -3.12 -17.19
C GLU D 17 10.62 -2.46 -18.22
N ASP D 18 10.08 -2.11 -19.38
CA ASP D 18 10.83 -1.32 -20.41
C ASP D 18 11.42 -0.06 -19.75
N HIS D 19 10.59 0.68 -19.01
CA HIS D 19 11.05 1.88 -18.35
C HIS D 19 12.00 1.61 -17.21
N VAL D 20 11.74 0.55 -16.44
CA VAL D 20 12.65 0.15 -15.37
C VAL D 20 14.05 -0.08 -15.93
N LEU D 21 14.14 -0.81 -17.04
CA LEU D 21 15.44 -1.08 -17.64
C LEU D 21 16.12 0.17 -18.18
N ASP D 22 15.36 1.11 -18.72
CA ASP D 22 15.93 2.41 -19.13
C ASP D 22 16.63 3.07 -17.93
N VAL D 23 16.00 3.00 -16.77
CA VAL D 23 16.59 3.66 -15.60
C VAL D 23 17.80 2.91 -15.10
N ILE D 24 17.74 1.56 -15.06
CA ILE D 24 18.85 0.78 -14.59
C ILE D 24 20.10 1.04 -15.45
N VAL D 25 19.92 1.07 -16.77
CA VAL D 25 21.05 1.39 -17.64
C VAL D 25 21.67 2.76 -17.33
N LEU D 26 20.88 3.77 -17.01
CA LEU D 26 21.40 5.07 -16.62
C LEU D 26 22.18 4.97 -15.30
N PHE D 27 21.60 4.29 -14.31
CA PHE D 27 22.33 4.05 -13.07
C PHE D 27 23.68 3.33 -13.27
N ASN D 28 23.73 2.40 -14.22
CA ASN D 28 24.94 1.64 -14.54
C ASN D 28 26.04 2.50 -15.17
N GLN D 29 25.60 3.62 -15.76
CA GLN D 29 26.49 4.59 -16.40
C GLN D 29 26.97 5.67 -15.48
N GLY D 30 26.56 5.59 -14.21
CA GLY D 30 26.96 6.55 -13.20
C GLY D 30 25.96 7.67 -12.95
N ILE D 31 24.78 7.61 -13.55
CA ILE D 31 23.75 8.58 -13.26
C ILE D 31 23.18 8.26 -11.83
N ASP D 32 23.05 9.30 -11.00
N ASP D 32 23.03 9.28 -10.99
CA ASP D 32 22.68 9.13 -9.59
CA ASP D 32 22.63 9.06 -9.60
C ASP D 32 21.22 9.43 -9.32
C ASP D 32 21.21 9.46 -9.30
N GLU D 33 20.61 10.25 -10.17
CA GLU D 33 19.27 10.76 -9.94
C GLU D 33 18.45 10.86 -11.24
N VAL D 34 17.18 10.50 -11.19
CA VAL D 34 16.31 10.68 -12.34
C VAL D 34 14.95 11.19 -11.84
N ILE D 35 14.21 11.85 -12.70
CA ILE D 35 12.87 12.23 -12.38
C ILE D 35 11.92 11.54 -13.37
N LEU D 36 11.01 10.71 -12.86
CA LEU D 36 9.96 10.12 -13.67
C LEU D 36 8.79 11.08 -13.78
N LYS D 37 8.33 11.33 -15.01
CA LYS D 37 7.19 12.17 -15.22
C LYS D 37 6.13 11.41 -15.93
N GLY D 38 4.93 11.36 -15.36
CA GLY D 38 3.78 10.80 -16.09
C GLY D 38 2.66 11.76 -16.17
N THR D 39 1.98 11.83 -17.32
CA THR D 39 0.83 12.66 -17.52
C THR D 39 -0.33 11.82 -17.94
N GLY D 40 -1.54 12.27 -17.62
CA GLY D 40 -2.75 11.60 -17.99
C GLY D 40 -2.76 10.17 -17.49
N ARG D 41 -3.09 9.26 -18.36
CA ARG D 41 -3.08 7.83 -18.00
C ARG D 41 -1.74 7.24 -17.74
N GLU D 42 -0.68 7.96 -18.06
CA GLU D 42 0.66 7.51 -17.74
C GLU D 42 1.09 7.79 -16.28
N ILE D 43 0.25 8.49 -15.53
CA ILE D 43 0.50 8.74 -14.09
C ILE D 43 0.65 7.41 -13.34
N SER D 44 -0.30 6.49 -13.52
CA SER D 44 -0.23 5.20 -12.84
C SER D 44 1.02 4.45 -13.27
N LYS D 45 1.38 4.52 -14.54
CA LYS D 45 2.56 3.84 -15.03
C LYS D 45 3.83 4.39 -14.38
N ALA D 46 3.88 5.72 -14.20
CA ALA D 46 5.06 6.34 -13.54
C ALA D 46 5.22 5.79 -12.12
N VAL D 47 4.11 5.67 -11.42
CA VAL D 47 4.13 5.04 -10.09
C VAL D 47 4.57 3.57 -10.14
N ASP D 48 4.05 2.78 -11.10
CA ASP D 48 4.43 1.40 -11.26
C ASP D 48 5.92 1.29 -11.48
N VAL D 49 6.49 2.19 -12.29
CA VAL D 49 7.89 2.13 -12.59
C VAL D 49 8.71 2.40 -11.33
N TYR D 50 8.35 3.43 -10.56
CA TYR D 50 8.99 3.69 -9.28
C TYR D 50 8.92 2.44 -8.37
N ASN D 51 7.74 1.88 -8.27
CA ASN D 51 7.57 0.74 -7.39
C ASN D 51 8.40 -0.44 -7.82
N SER D 52 8.53 -0.66 -9.13
CA SER D 52 9.34 -1.76 -9.64
C SER D 52 10.80 -1.55 -9.41
N LEU D 53 11.25 -0.30 -9.60
CA LEU D 53 12.63 0.05 -9.26
C LEU D 53 12.90 -0.15 -7.76
N LYS D 54 11.95 0.25 -6.93
CA LYS D 54 12.05 0.00 -5.48
C LYS D 54 11.98 -1.51 -5.10
N ASP D 55 11.17 -2.30 -5.80
CA ASP D 55 11.06 -3.75 -5.55
C ASP D 55 12.42 -4.37 -5.82
N ARG D 56 13.14 -3.88 -6.85
CA ARG D 56 14.42 -4.38 -7.32
C ARG D 56 15.54 -3.91 -6.41
N LEU D 57 15.59 -2.61 -6.14
CA LEU D 57 16.79 -2.03 -5.51
C LEU D 57 16.60 -1.86 -4.01
N GLY D 58 15.36 -1.87 -3.53
CA GLY D 58 15.04 -1.61 -2.14
C GLY D 58 15.65 -0.28 -1.63
N ASP D 59 16.38 -0.33 -0.53
CA ASP D 59 17.04 0.84 0.05
C ASP D 59 18.14 1.45 -0.85
N GLY D 60 18.55 0.73 -1.89
CA GLY D 60 19.49 1.21 -2.89
C GLY D 60 18.94 2.37 -3.72
N VAL D 61 17.62 2.58 -3.67
CA VAL D 61 17.02 3.73 -4.33
C VAL D 61 16.11 4.42 -3.34
N GLN D 62 15.95 5.72 -3.51
CA GLN D 62 15.05 6.44 -2.63
C GLN D 62 14.20 7.40 -3.42
N LEU D 63 12.96 7.53 -2.99
CA LEU D 63 12.08 8.58 -3.49
C LEU D 63 12.40 9.85 -2.73
N VAL D 64 13.10 10.76 -3.39
CA VAL D 64 13.55 12.04 -2.84
C VAL D 64 12.37 12.95 -2.68
N ASN D 65 11.50 12.95 -3.69
CA ASN D 65 10.29 13.74 -3.66
C ASN D 65 9.26 13.25 -4.68
N VAL D 66 8.01 13.55 -4.37
CA VAL D 66 6.88 13.26 -5.23
C VAL D 66 6.00 14.48 -5.24
N GLN D 67 5.56 14.86 -6.44
CA GLN D 67 4.69 16.01 -6.58
C GLN D 67 3.67 15.72 -7.64
N THR D 68 2.45 16.14 -7.42
CA THR D 68 1.43 16.19 -8.45
C THR D 68 1.08 17.63 -8.82
N GLY D 69 0.59 17.80 -10.02
CA GLY D 69 0.22 19.11 -10.44
C GLY D 69 -0.51 19.06 -11.76
N SER D 70 -0.68 20.26 -12.33
CA SER D 70 -1.34 20.42 -13.61
C SER D 70 -0.51 21.32 -14.49
N GLU D 71 -0.50 21.02 -15.78
CA GLU D 71 0.09 21.95 -16.74
C GLU D 71 -0.92 22.14 -17.85
N VAL D 72 -0.63 23.08 -18.75
CA VAL D 72 -1.61 23.43 -19.74
C VAL D 72 -0.99 23.33 -21.13
N ARG D 73 -1.69 22.66 -22.04
CA ARG D 73 -1.24 22.55 -23.42
C ARG D 73 -2.46 22.77 -24.33
N ASP D 74 -2.36 23.74 -25.24
CA ASP D 74 -3.52 24.15 -26.01
C ASP D 74 -4.77 24.47 -25.20
N ARG D 75 -4.55 25.19 -24.11
CA ARG D 75 -5.56 25.64 -23.19
C ARG D 75 -6.30 24.51 -22.50
N ARG D 76 -5.75 23.30 -22.57
N ARG D 76 -5.74 23.31 -22.55
CA ARG D 76 -6.31 22.12 -21.89
CA ARG D 76 -6.31 22.15 -21.87
C ARG D 76 -5.45 21.80 -20.68
C ARG D 76 -5.45 21.80 -20.67
N ARG D 77 -6.08 21.68 -19.51
CA ARG D 77 -5.38 21.31 -18.27
C ARG D 77 -5.10 19.79 -18.26
N ILE D 78 -3.85 19.42 -18.02
CA ILE D 78 -3.42 18.04 -17.99
C ILE D 78 -2.79 17.75 -16.63
N SER D 79 -3.17 16.66 -16.02
CA SER D 79 -2.53 16.28 -14.76
C SER D 79 -1.19 15.58 -14.96
N TYR D 80 -0.28 15.74 -13.98
CA TYR D 80 0.99 15.07 -13.98
C TYR D 80 1.41 14.65 -12.57
N ILE D 81 2.32 13.70 -12.57
CA ILE D 81 3.07 13.29 -11.38
C ILE D 81 4.54 13.33 -11.72
N LEU D 82 5.34 13.77 -10.73
CA LEU D 82 6.77 13.74 -10.78
C LEU D 82 7.29 12.91 -9.62
N LEU D 83 8.13 11.93 -9.91
CA LEU D 83 8.79 11.12 -8.90
C LEU D 83 10.28 11.23 -9.09
N ARG D 84 10.94 11.90 -8.13
CA ARG D 84 12.39 12.06 -8.17
C ARG D 84 13.08 10.95 -7.41
N LEU D 85 13.93 10.20 -8.09
CA LEU D 85 14.56 9.03 -7.56
C LEU D 85 16.08 9.23 -7.47
N LYS D 86 16.65 8.78 -6.37
CA LYS D 86 18.10 8.83 -6.14
C LYS D 86 18.72 7.51 -5.65
N ARG D 87 19.94 7.20 -6.07
N ARG D 87 19.93 7.18 -6.10
CA ARG D 87 20.82 6.25 -5.31
CA ARG D 87 20.82 6.28 -5.32
C ARG D 87 21.53 7.13 -4.25
C ARG D 87 21.28 7.21 -4.18
N VAL D 88 21.63 6.84 -2.94
CA VAL D 88 21.86 5.53 -2.22
C VAL D 88 22.93 4.43 -2.39
N TYR D 89 24.14 4.75 -1.93
CA TYR D 89 25.24 3.80 -1.71
C TYR D 89 25.57 3.71 -0.23
C1 MPD E . 4.73 15.23 -0.83
C2 MPD E . 4.50 16.62 -1.46
O2 MPD E . 3.17 17.23 -0.93
CM MPD E . 4.57 16.41 -3.03
C3 MPD E . 5.67 17.57 -0.93
C4 MPD E . 7.15 17.19 -1.38
O4 MPD E . 7.24 17.37 -2.82
C5 MPD E . 8.41 17.92 -0.83
C1 MPD F . -5.33 -7.78 17.80
C2 MPD F . -6.24 -6.74 18.45
O2 MPD F . -7.59 -6.64 17.85
CM MPD F . -5.56 -5.38 18.28
C3 MPD F . -6.45 -7.08 19.94
C4 MPD F . -7.23 -6.00 20.70
O4 MPD F . -8.53 -5.79 20.17
C5 MPD F . -7.43 -6.30 22.19
C1 MPD G . -6.18 -16.91 1.75
C2 MPD G . -4.68 -16.75 1.47
O2 MPD G . -4.08 -16.86 2.79
CM MPD G . -4.38 -15.34 1.00
C3 MPD G . -4.13 -17.65 0.33
C4 MPD G . -3.45 -18.99 0.48
O4 MPD G . -2.78 -19.14 -0.77
C5 MPD G . -2.37 -19.18 1.53
C1 MPD H . 23.34 -9.26 10.44
C2 MPD H . 24.72 -8.79 10.98
O2 MPD H . 25.71 -9.13 10.01
CM MPD H . 25.17 -9.61 12.19
C3 MPD H . 24.89 -7.27 11.15
C4 MPD H . 24.35 -6.66 12.44
O4 MPD H . 25.09 -7.09 13.54
C5 MPD H . 24.43 -5.13 12.41
C1 MPD I . 2.08 18.10 -1.80
C2 MPD I . 3.30 17.18 -1.85
O2 MPD I . 3.64 17.14 -3.24
CM MPD I . 2.84 15.70 -1.47
C3 MPD I . 4.49 17.87 -1.04
C4 MPD I . 6.00 18.07 -1.62
O4 MPD I . 6.29 18.27 -3.01
C5 MPD I . 6.69 19.32 -0.93
#